data_2V3R
#
_entry.id   2V3R
#
_cell.length_a   82.890
_cell.length_b   82.858
_cell.length_c   110.550
_cell.angle_alpha   90.00
_cell.angle_beta   90.00
_cell.angle_gamma   90.00
#
_symmetry.space_group_name_H-M   'I 2 2 2'
#
loop_
_entity.id
_entity.type
_entity.pdbx_description
1 polymer 'EXOGLUCANASE 1'
2 non-polymer 2-acetamido-2-deoxy-beta-D-glucopyranose
3 non-polymer 'COBALT (II) ION'
4 non-polymer 2-{[(2S)-2-HYDROXY-3-(9-PHENANTHRYLOXY)PROPYL]AMINO}PROPANE-1,3-DIOL
5 water water
#
_entity_poly.entity_id   1
_entity_poly.type   'polypeptide(L)'
_entity_poly.pdbx_seq_one_letter_code
;(PCA)SACTLQSETHPPLTWQKCSSGGTCTQQTGSVVIDANWRWTHATNSSTNCYDGNTWSSTLCPDNETCAKNCCLDGA
AYASTYGVTTSGNSLSIGFVTQSAQKNVGARLYLMASDTTYQEFTLLGNEFSFDVDVSQLPCGLNGALYFVSMDADGGVS
KYPTNTAGAKYGTGYCDSQCPRDLKFINGQANVEGWEPSSNNANTGIGGHGSCCSEMDIWEANSISEALTPHPCTTVGQE
ICEGDGCGGTYSDNRYGGTCDPDGCDWNPYRLGNTSFYGPGSSFTLDTTKKLTVVTQFETSGAINRYYVQNGVTFQQPNA
ELGSYSGNELNDDYCTAEEAEFGGSSFSDKGGLTQFKKATSGGMVLVMSLWDDYYANMLWLDSTYPTNETSSTPGAVRGS
CSTSSGVPAQVESQSPNAKVTFSNIKFGPIGSTGNPSG
;
_entity_poly.pdbx_strand_id   A
#
loop_
_chem_comp.id
_chem_comp.type
_chem_comp.name
_chem_comp.formula
CO non-polymer 'COBALT (II) ION' 'Co 2'
NAG D-saccharide, beta linking 2-acetamido-2-deoxy-beta-D-glucopyranose 'C8 H15 N O6'
XX7 non-polymer 2-{[(2S)-2-HYDROXY-3-(9-PHENANTHRYLOXY)PROPYL]AMINO}PROPANE-1,3-DIOL 'C20 H23 N O4'
#
# COMPACT_ATOMS: atom_id res chain seq x y z
N PCA A 1 -5.58 18.62 -11.03
CA PCA A 1 -7.02 18.53 -11.08
CB PCA A 1 -7.39 17.08 -10.85
CG PCA A 1 -6.27 16.52 -10.02
CD PCA A 1 -5.15 17.46 -10.32
OE PCA A 1 -3.97 17.29 -10.02
C PCA A 1 -7.65 19.40 -10.00
O PCA A 1 -7.02 19.62 -8.97
N SER A 2 -8.84 19.89 -10.26
CA SER A 2 -9.66 20.54 -9.25
C SER A 2 -10.63 19.53 -8.62
N ALA A 3 -11.40 20.00 -7.65
CA ALA A 3 -12.43 19.22 -6.99
C ALA A 3 -13.79 19.71 -7.46
N CYS A 4 -14.68 18.77 -7.73
CA CYS A 4 -16.08 19.05 -7.96
C CYS A 4 -16.89 18.48 -6.80
N THR A 5 -18.17 18.86 -6.74
CA THR A 5 -19.02 18.55 -5.61
C THR A 5 -20.42 18.10 -6.05
N LEU A 6 -20.50 17.42 -7.18
CA LEU A 6 -21.73 16.72 -7.55
C LEU A 6 -22.03 15.60 -6.56
N GLN A 7 -20.99 14.99 -6.00
N GLN A 7 -20.97 15.08 -5.95
CA GLN A 7 -21.11 14.09 -4.85
CA GLN A 7 -21.06 14.07 -4.90
C GLN A 7 -20.31 14.67 -3.70
C GLN A 7 -20.28 14.63 -3.69
N SER A 8 -20.92 14.74 -2.53
CA SER A 8 -20.27 15.33 -1.37
C SER A 8 -19.17 14.39 -0.89
N GLU A 9 -18.14 14.97 -0.28
CA GLU A 9 -17.01 14.20 0.25
C GLU A 9 -17.00 14.29 1.80
N THR A 10 -17.38 13.20 2.44
CA THR A 10 -17.35 13.10 3.91
C THR A 10 -16.45 11.93 4.28
N HIS A 11 -15.28 12.24 4.81
CA HIS A 11 -14.31 11.19 5.17
C HIS A 11 -14.79 10.40 6.37
N PRO A 12 -14.88 9.07 6.25
CA PRO A 12 -15.25 8.28 7.42
C PRO A 12 -14.28 8.53 8.57
N PRO A 13 -14.82 8.80 9.78
N PRO A 13 -14.79 8.92 9.76
CA PRO A 13 -13.91 9.06 10.90
CA PRO A 13 -13.87 9.12 10.87
C PRO A 13 -13.19 7.80 11.37
C PRO A 13 -13.20 7.83 11.36
N LEU A 14 -12.02 7.99 11.95
CA LEU A 14 -11.24 6.88 12.50
C LEU A 14 -10.38 7.45 13.60
N THR A 15 -10.50 6.86 14.78
CA THR A 15 -9.66 7.21 15.91
C THR A 15 -8.50 6.25 16.05
N TRP A 16 -7.49 6.72 16.75
CA TRP A 16 -6.28 5.97 16.98
C TRP A 16 -5.61 6.54 18.20
N GLN A 17 -4.68 5.77 18.78
CA GLN A 17 -4.06 6.14 20.03
C GLN A 17 -2.63 6.59 19.83
N LYS A 18 -2.29 7.71 20.46
CA LYS A 18 -0.95 8.19 20.49
C LYS A 18 -0.50 7.95 21.92
N CYS A 19 0.56 7.18 22.05
CA CYS A 19 1.11 6.80 23.34
C CYS A 19 2.42 7.50 23.60
N SER A 20 2.76 7.60 24.89
CA SER A 20 3.95 8.34 25.31
C SER A 20 4.82 7.47 26.19
N SER A 21 6.09 7.85 26.28
CA SER A 21 7.05 7.07 27.04
C SER A 21 6.68 6.90 28.50
N GLY A 22 5.93 7.87 29.02
CA GLY A 22 5.52 7.86 30.42
C GLY A 22 4.40 6.89 30.74
N GLY A 23 3.88 6.20 29.73
CA GLY A 23 3.06 5.01 29.95
C GLY A 23 1.57 5.18 29.72
N THR A 24 1.17 6.34 29.21
CA THR A 24 -0.23 6.57 28.88
C THR A 24 -0.42 6.79 27.39
N CYS A 25 -1.65 6.56 26.97
CA CYS A 25 -2.07 6.77 25.59
C CYS A 25 -3.26 7.71 25.60
N THR A 26 -3.34 8.54 24.56
CA THR A 26 -4.46 9.47 24.40
C THR A 26 -5.04 9.36 23.00
N GLN A 27 -6.36 9.41 22.94
CA GLN A 27 -7.08 9.23 21.70
C GLN A 27 -6.91 10.44 20.78
N GLN A 28 -6.69 10.11 19.50
CA GLN A 28 -6.62 11.05 18.41
C GLN A 28 -7.82 10.80 17.50
N THR A 29 -8.36 11.85 16.90
CA THR A 29 -9.49 11.67 15.96
C THR A 29 -9.02 12.10 14.58
N GLY A 30 -9.03 11.14 13.66
CA GLY A 30 -8.74 11.39 12.27
C GLY A 30 -9.88 10.90 11.40
N SER A 31 -9.56 10.64 10.14
CA SER A 31 -10.55 10.09 9.20
C SER A 31 -9.77 9.44 8.09
N VAL A 32 -10.47 8.81 7.15
CA VAL A 32 -9.79 8.20 6.01
C VAL A 32 -10.35 8.77 4.74
N VAL A 33 -9.51 8.82 3.71
CA VAL A 33 -9.88 9.37 2.41
C VAL A 33 -9.44 8.38 1.35
N ILE A 34 -10.29 8.18 0.35
CA ILE A 34 -9.93 7.32 -0.76
C ILE A 34 -9.06 8.02 -1.81
N ASP A 35 -8.12 7.25 -2.35
CA ASP A 35 -7.20 7.70 -3.37
C ASP A 35 -7.95 8.18 -4.61
N ALA A 36 -7.45 9.25 -5.19
CA ALA A 36 -8.04 9.90 -6.35
C ALA A 36 -8.34 8.98 -7.55
N ASN A 37 -7.57 7.90 -7.72
CA ASN A 37 -7.75 7.01 -8.87
C ASN A 37 -9.08 6.29 -8.85
N TRP A 38 -9.64 6.13 -7.67
CA TRP A 38 -10.91 5.45 -7.52
C TRP A 38 -12.11 6.36 -7.83
N ARG A 39 -11.87 7.67 -7.92
CA ARG A 39 -12.93 8.63 -8.05
C ARG A 39 -13.41 8.81 -9.48
N TRP A 40 -14.58 9.40 -9.61
CA TRP A 40 -15.09 9.88 -10.87
C TRP A 40 -14.33 11.15 -11.25
N THR A 41 -13.75 11.13 -12.45
CA THR A 41 -13.05 12.28 -13.00
C THR A 41 -13.87 12.82 -14.16
N HIS A 42 -14.36 14.03 -14.01
CA HIS A 42 -15.24 14.64 -15.03
C HIS A 42 -14.92 16.09 -15.32
N ALA A 43 -15.56 16.61 -16.36
CA ALA A 43 -15.42 18.00 -16.73
C ALA A 43 -15.88 18.92 -15.62
N THR A 44 -15.19 20.04 -15.43
CA THR A 44 -15.48 20.93 -14.29
C THR A 44 -16.89 21.50 -14.33
N ASN A 45 -17.43 21.66 -15.53
CA ASN A 45 -18.71 22.34 -15.70
C ASN A 45 -19.83 21.41 -16.18
N SER A 46 -19.61 20.11 -16.18
CA SER A 46 -20.64 19.15 -16.57
C SER A 46 -20.35 17.78 -15.96
N SER A 47 -21.20 16.82 -16.28
N SER A 47 -21.21 16.81 -16.27
CA SER A 47 -21.04 15.44 -15.82
CA SER A 47 -21.02 15.43 -15.82
C SER A 47 -20.31 14.56 -16.86
C SER A 47 -20.33 14.56 -16.87
N THR A 48 -19.76 15.18 -17.90
CA THR A 48 -19.07 14.44 -18.94
C THR A 48 -17.75 13.88 -18.40
N ASN A 49 -17.55 12.58 -18.58
CA ASN A 49 -16.36 11.92 -18.04
C ASN A 49 -15.08 12.41 -18.74
N CYS A 50 -14.02 12.67 -17.97
CA CYS A 50 -12.68 12.86 -18.54
C CYS A 50 -11.96 11.53 -18.74
N TYR A 51 -12.34 10.56 -17.90
CA TYR A 51 -11.82 9.20 -17.95
C TYR A 51 -12.99 8.28 -17.77
N ASP A 52 -13.05 7.23 -18.59
CA ASP A 52 -14.10 6.26 -18.48
C ASP A 52 -13.61 4.93 -19.01
N GLY A 53 -13.97 3.87 -18.31
CA GLY A 53 -13.37 2.57 -18.61
C GLY A 53 -11.88 2.64 -18.38
N ASN A 54 -11.12 2.48 -19.45
CA ASN A 54 -9.68 2.66 -19.34
C ASN A 54 -9.11 3.60 -20.37
N THR A 55 -9.94 4.51 -20.86
N THR A 55 -9.92 4.52 -20.84
CA THR A 55 -9.54 5.52 -21.82
CA THR A 55 -9.51 5.52 -21.83
C THR A 55 -9.94 6.93 -21.41
C THR A 55 -9.83 6.90 -21.29
N TRP A 56 -9.12 7.87 -21.83
CA TRP A 56 -9.38 9.27 -21.56
C TRP A 56 -10.14 9.92 -22.70
N SER A 57 -10.92 10.92 -22.35
CA SER A 57 -11.53 11.79 -23.33
C SER A 57 -10.47 12.50 -24.17
N SER A 58 -10.50 12.26 -25.48
CA SER A 58 -9.50 12.85 -26.36
C SER A 58 -9.72 14.37 -26.53
N THR A 59 -10.95 14.83 -26.29
CA THR A 59 -11.27 16.24 -26.41
C THR A 59 -11.04 17.01 -25.10
N LEU A 60 -11.49 16.44 -23.98
CA LEU A 60 -11.23 17.09 -22.68
C LEU A 60 -9.75 16.97 -22.30
N CYS A 61 -9.12 15.87 -22.72
CA CYS A 61 -7.76 15.55 -22.31
C CYS A 61 -6.80 15.28 -23.47
N PRO A 62 -6.55 16.31 -24.29
CA PRO A 62 -5.64 16.16 -25.41
C PRO A 62 -4.18 16.12 -25.01
N ASP A 63 -3.87 16.61 -23.81
CA ASP A 63 -2.53 16.60 -23.26
C ASP A 63 -2.69 16.72 -21.74
N ASN A 64 -1.60 16.46 -21.02
CA ASN A 64 -1.65 16.41 -19.55
C ASN A 64 -2.10 17.70 -18.86
N GLU A 65 -1.66 18.84 -19.38
N GLU A 65 -1.67 18.83 -19.41
CA GLU A 65 -2.01 20.12 -18.76
CA GLU A 65 -1.96 20.13 -18.82
C GLU A 65 -3.46 20.52 -19.04
C GLU A 65 -3.42 20.52 -19.05
N THR A 66 -3.88 20.41 -20.30
CA THR A 66 -5.23 20.77 -20.67
C THR A 66 -6.22 19.90 -19.90
N CYS A 67 -5.91 18.62 -19.80
CA CYS A 67 -6.73 17.69 -19.05
C CYS A 67 -6.97 18.13 -17.61
N ALA A 68 -5.88 18.48 -16.91
CA ALA A 68 -5.96 18.89 -15.52
C ALA A 68 -6.76 20.20 -15.36
N LYS A 69 -6.66 21.09 -16.35
CA LYS A 69 -7.45 22.31 -16.37
C LYS A 69 -8.94 22.02 -16.57
N ASN A 70 -9.25 21.09 -17.45
CA ASN A 70 -10.63 20.80 -17.79
C ASN A 70 -11.36 19.91 -16.81
N CYS A 71 -10.60 19.24 -15.93
CA CYS A 71 -11.16 18.10 -15.23
C CYS A 71 -11.07 18.23 -13.73
N CYS A 72 -12.03 17.58 -13.07
CA CYS A 72 -12.05 17.52 -11.63
C CYS A 72 -12.31 16.11 -11.09
N LEU A 73 -11.90 15.93 -9.83
CA LEU A 73 -12.23 14.76 -9.04
C LEU A 73 -13.49 15.07 -8.24
N ASP A 74 -14.38 14.10 -8.12
CA ASP A 74 -15.57 14.30 -7.33
C ASP A 74 -15.56 13.46 -6.05
N GLY A 75 -16.56 13.66 -5.21
CA GLY A 75 -16.65 12.96 -3.94
C GLY A 75 -16.99 11.50 -4.06
N ALA A 76 -16.78 10.79 -2.95
CA ALA A 76 -16.94 9.33 -2.87
C ALA A 76 -18.05 8.95 -1.89
N ALA A 77 -18.91 8.03 -2.31
CA ALA A 77 -19.88 7.39 -1.42
C ALA A 77 -19.13 6.19 -0.84
N TYR A 78 -18.52 6.40 0.33
CA TYR A 78 -17.58 5.40 0.89
C TYR A 78 -18.17 4.02 1.04
N ALA A 79 -19.35 3.90 1.64
CA ALA A 79 -19.94 2.58 1.87
C ALA A 79 -20.60 1.99 0.65
N SER A 80 -21.48 2.76 0.01
CA SER A 80 -22.29 2.21 -1.07
C SER A 80 -21.52 2.00 -2.37
N THR A 81 -20.54 2.85 -2.68
CA THR A 81 -19.73 2.65 -3.88
C THR A 81 -18.49 1.83 -3.60
N TYR A 82 -17.80 2.13 -2.50
CA TYR A 82 -16.43 1.59 -2.30
C TYR A 82 -16.31 0.51 -1.21
N GLY A 83 -17.38 0.20 -0.50
CA GLY A 83 -17.30 -0.88 0.49
C GLY A 83 -16.41 -0.51 1.66
N VAL A 84 -16.33 0.78 1.97
CA VAL A 84 -15.46 1.28 3.04
C VAL A 84 -16.33 1.81 4.18
N THR A 85 -16.17 1.21 5.35
CA THR A 85 -16.86 1.66 6.56
C THR A 85 -15.88 1.82 7.72
N THR A 86 -16.21 2.71 8.65
CA THR A 86 -15.48 2.80 9.90
C THR A 86 -16.43 2.80 11.09
N SER A 87 -15.87 2.45 12.24
CA SER A 87 -16.59 2.52 13.51
C SER A 87 -15.58 2.67 14.62
N GLY A 88 -15.50 3.87 15.18
CA GLY A 88 -14.56 4.18 16.23
C GLY A 88 -13.15 4.01 15.72
N ASN A 89 -12.46 3.02 16.26
CA ASN A 89 -11.07 2.73 15.89
C ASN A 89 -10.94 1.62 14.83
N SER A 90 -12.05 1.19 14.22
CA SER A 90 -12.04 0.11 13.24
C SER A 90 -12.37 0.61 11.81
N LEU A 91 -11.67 0.05 10.83
CA LEU A 91 -11.88 0.31 9.41
C LEU A 91 -12.04 -1.01 8.72
N SER A 92 -13.12 -1.15 7.95
CA SER A 92 -13.34 -2.30 7.11
C SER A 92 -13.35 -1.91 5.64
N ILE A 93 -12.69 -2.74 4.82
CA ILE A 93 -12.62 -2.56 3.36
C ILE A 93 -13.12 -3.82 2.70
N GLY A 94 -14.22 -3.71 1.93
CA GLY A 94 -14.76 -4.83 1.19
C GLY A 94 -14.08 -5.00 -0.14
N PHE A 95 -14.15 -6.19 -0.71
CA PHE A 95 -13.40 -6.48 -1.91
C PHE A 95 -14.14 -6.02 -3.15
N VAL A 96 -15.27 -6.65 -3.45
CA VAL A 96 -16.06 -6.22 -4.62
C VAL A 96 -17.36 -5.59 -4.07
N THR A 97 -17.64 -4.36 -4.51
CA THR A 97 -18.85 -3.65 -4.12
C THR A 97 -19.63 -3.34 -5.40
N GLN A 98 -20.88 -3.82 -5.44
N GLN A 98 -20.88 -3.83 -5.45
CA GLN A 98 -21.78 -3.60 -6.57
CA GLN A 98 -21.77 -3.59 -6.59
C GLN A 98 -22.75 -2.47 -6.24
C GLN A 98 -22.73 -2.47 -6.24
N SER A 99 -22.68 -1.40 -7.02
CA SER A 99 -23.65 -0.30 -6.93
C SER A 99 -24.15 -0.14 -8.37
N ALA A 100 -24.26 1.08 -8.88
CA ALA A 100 -24.52 1.26 -10.31
C ALA A 100 -23.41 0.65 -11.18
N GLN A 101 -22.21 0.52 -10.61
CA GLN A 101 -21.13 -0.15 -11.28
C GLN A 101 -20.39 -1.03 -10.27
N LYS A 102 -19.51 -1.88 -10.76
CA LYS A 102 -18.66 -2.73 -9.92
C LYS A 102 -17.40 -1.95 -9.51
N ASN A 103 -17.10 -1.96 -8.20
CA ASN A 103 -15.85 -1.45 -7.67
C ASN A 103 -15.03 -2.57 -7.04
N VAL A 104 -13.71 -2.56 -7.29
CA VAL A 104 -12.80 -3.50 -6.63
C VAL A 104 -11.83 -2.78 -5.71
N GLY A 105 -11.95 -3.07 -4.43
CA GLY A 105 -10.98 -2.61 -3.44
C GLY A 105 -10.98 -1.11 -3.23
N ALA A 106 -9.95 -0.66 -2.53
CA ALA A 106 -9.77 0.72 -2.20
C ALA A 106 -8.35 0.92 -1.68
N ARG A 107 -7.81 2.12 -1.82
CA ARG A 107 -6.56 2.54 -1.18
C ARG A 107 -6.91 3.84 -0.43
N LEU A 108 -6.69 3.82 0.89
CA LEU A 108 -7.14 4.87 1.81
C LEU A 108 -5.97 5.45 2.58
N TYR A 109 -6.04 6.75 2.91
CA TYR A 109 -5.02 7.44 3.69
C TYR A 109 -5.63 7.98 4.95
N LEU A 110 -4.87 7.93 6.05
CA LEU A 110 -5.32 8.55 7.30
C LEU A 110 -5.09 10.05 7.26
N MET A 111 -6.14 10.82 7.54
N MET A 111 -6.15 10.79 7.59
CA MET A 111 -6.05 12.26 7.56
CA MET A 111 -6.16 12.23 7.62
C MET A 111 -5.93 12.84 8.97
C MET A 111 -5.85 12.80 9.01
N ALA A 112 -5.25 13.99 9.03
CA ALA A 112 -5.13 14.80 10.24
C ALA A 112 -6.29 15.81 10.33
N SER A 113 -6.73 16.31 9.17
CA SER A 113 -7.84 17.24 9.08
C SER A 113 -8.50 16.89 7.77
N ASP A 114 -9.65 17.49 7.44
N ASP A 114 -9.62 17.55 7.48
CA ASP A 114 -10.32 17.13 6.19
CA ASP A 114 -10.41 17.32 6.26
C ASP A 114 -9.57 17.54 4.95
C ASP A 114 -9.58 17.54 5.00
N THR A 115 -8.49 18.30 5.11
CA THR A 115 -7.68 18.72 3.98
C THR A 115 -6.20 18.36 4.04
N THR A 116 -5.79 17.57 5.06
CA THR A 116 -4.41 17.23 5.22
C THR A 116 -4.24 15.79 5.69
N TYR A 117 -3.20 15.14 5.19
CA TYR A 117 -2.83 13.82 5.66
C TYR A 117 -2.15 13.87 7.04
N GLN A 118 -2.35 12.80 7.81
CA GLN A 118 -1.62 12.61 9.07
C GLN A 118 -0.22 12.10 8.74
N GLU A 119 0.80 12.72 9.32
N GLU A 119 0.81 12.69 9.33
CA GLU A 119 2.15 12.22 9.18
CA GLU A 119 2.18 12.22 9.10
C GLU A 119 2.54 11.45 10.44
C GLU A 119 2.75 11.61 10.38
N PHE A 120 3.40 10.47 10.23
CA PHE A 120 4.03 9.72 11.30
C PHE A 120 5.51 9.66 11.07
N THR A 121 6.29 9.93 12.12
CA THR A 121 7.74 9.76 12.10
C THR A 121 7.99 8.39 12.74
N LEU A 122 8.37 7.40 11.94
CA LEU A 122 8.44 6.04 12.46
C LEU A 122 9.69 5.79 13.29
N LEU A 123 10.81 6.42 12.95
CA LEU A 123 12.07 6.12 13.61
C LEU A 123 12.05 6.42 15.12
N GLY A 124 12.45 5.43 15.90
CA GLY A 124 12.36 5.45 17.36
C GLY A 124 11.01 5.11 17.97
N ASN A 125 10.03 4.86 17.11
CA ASN A 125 8.69 4.61 17.51
C ASN A 125 8.25 3.22 17.08
N GLU A 126 7.05 2.85 17.52
CA GLU A 126 6.44 1.63 17.10
C GLU A 126 4.99 1.87 16.72
N PHE A 127 4.49 0.99 15.89
CA PHE A 127 3.14 1.06 15.36
C PHE A 127 2.50 -0.29 15.61
N SER A 128 1.34 -0.27 16.28
CA SER A 128 0.56 -1.45 16.60
C SER A 128 -0.79 -1.35 15.94
N PHE A 129 -1.29 -2.48 15.48
CA PHE A 129 -2.65 -2.56 15.03
C PHE A 129 -3.18 -3.96 15.13
N ASP A 130 -4.50 -4.05 15.13
CA ASP A 130 -5.18 -5.33 15.08
C ASP A 130 -5.71 -5.52 13.67
N VAL A 131 -5.72 -6.77 13.25
CA VAL A 131 -6.23 -7.12 11.95
C VAL A 131 -7.00 -8.44 11.97
N ASP A 132 -8.07 -8.45 11.21
CA ASP A 132 -8.79 -9.65 10.88
C ASP A 132 -8.58 -9.90 9.38
N VAL A 133 -7.79 -10.92 9.07
CA VAL A 133 -7.52 -11.36 7.71
C VAL A 133 -8.30 -12.63 7.34
N SER A 134 -9.24 -13.04 8.19
CA SER A 134 -9.91 -14.34 7.99
C SER A 134 -10.66 -14.46 6.68
N GLN A 135 -11.16 -13.32 6.20
CA GLN A 135 -11.92 -13.27 4.96
C GLN A 135 -11.08 -12.90 3.73
N LEU A 136 -9.77 -13.10 3.82
CA LEU A 136 -8.87 -12.89 2.69
C LEU A 136 -8.26 -14.21 2.20
N PRO A 137 -8.70 -14.67 1.03
CA PRO A 137 -8.13 -15.87 0.46
C PRO A 137 -6.89 -15.56 -0.39
N CYS A 138 -6.28 -16.61 -0.92
CA CYS A 138 -5.18 -16.47 -1.84
C CYS A 138 -5.50 -15.43 -2.91
N GLY A 139 -4.50 -14.64 -3.28
CA GLY A 139 -4.65 -13.68 -4.37
C GLY A 139 -5.02 -12.29 -3.93
N LEU A 140 -5.40 -12.13 -2.66
CA LEU A 140 -5.77 -10.80 -2.12
C LEU A 140 -4.67 -10.31 -1.19
N ASN A 141 -4.56 -8.98 -1.09
CA ASN A 141 -3.62 -8.34 -0.21
C ASN A 141 -4.33 -7.23 0.54
N GLY A 142 -4.56 -7.45 1.84
CA GLY A 142 -4.97 -6.41 2.76
C GLY A 142 -3.71 -5.79 3.30
N ALA A 143 -3.47 -4.54 2.94
CA ALA A 143 -2.20 -3.90 3.21
C ALA A 143 -2.32 -2.71 4.14
N LEU A 144 -1.37 -2.62 5.06
CA LEU A 144 -1.21 -1.47 5.91
C LEU A 144 0.25 -1.08 5.78
N TYR A 145 0.50 0.14 5.35
CA TYR A 145 1.84 0.58 5.02
C TYR A 145 1.99 2.08 5.05
N PHE A 146 3.24 2.52 4.90
CA PHE A 146 3.57 3.94 4.94
C PHE A 146 4.28 4.33 3.66
N VAL A 147 4.00 5.55 3.21
CA VAL A 147 4.73 6.10 2.04
C VAL A 147 5.08 7.56 2.30
N SER A 148 6.18 8.00 1.70
CA SER A 148 6.67 9.38 1.89
C SER A 148 5.96 10.38 0.98
N MET A 149 4.66 10.55 1.20
CA MET A 149 3.83 11.54 0.54
C MET A 149 3.90 12.88 1.24
N ASP A 150 3.55 13.93 0.48
CA ASP A 150 3.37 15.27 1.01
C ASP A 150 2.05 15.33 1.77
N ALA A 151 2.03 16.06 2.87
CA ALA A 151 0.87 16.15 3.75
C ALA A 151 -0.35 16.81 3.09
N ASP A 152 -0.07 17.68 2.11
CA ASP A 152 -1.12 18.34 1.35
C ASP A 152 -1.53 17.63 0.09
N GLY A 153 -0.95 16.45 -0.16
CA GLY A 153 -1.27 15.76 -1.41
C GLY A 153 -0.66 16.37 -2.66
N GLY A 154 0.28 17.31 -2.49
CA GLY A 154 1.05 17.92 -3.60
C GLY A 154 0.67 19.35 -4.00
N VAL A 155 -0.36 19.91 -3.36
CA VAL A 155 -0.90 21.22 -3.76
C VAL A 155 0.15 22.33 -3.73
N SER A 156 0.99 22.38 -2.69
CA SER A 156 1.94 23.50 -2.59
C SER A 156 2.96 23.48 -3.71
N LYS A 157 3.37 22.29 -4.14
CA LYS A 157 4.34 22.14 -5.20
C LYS A 157 3.73 22.31 -6.59
N TYR A 158 2.46 21.91 -6.73
CA TYR A 158 1.77 21.82 -8.04
C TYR A 158 0.39 22.46 -7.95
N PRO A 159 0.34 23.80 -8.11
N PRO A 159 0.33 23.81 -8.02
CA PRO A 159 -0.90 24.55 -7.88
CA PRO A 159 -0.95 24.49 -7.80
C PRO A 159 -2.06 24.23 -8.81
C PRO A 159 -2.08 24.23 -8.81
N THR A 160 -1.79 23.54 -9.92
CA THR A 160 -2.85 23.05 -10.80
C THR A 160 -3.58 21.82 -10.19
N ASN A 161 -3.01 21.28 -9.10
CA ASN A 161 -3.76 20.39 -8.19
C ASN A 161 -4.37 21.22 -7.08
N THR A 162 -5.65 21.50 -7.18
CA THR A 162 -6.32 22.23 -6.10
C THR A 162 -7.21 21.30 -5.30
N ALA A 163 -7.31 20.03 -5.69
CA ALA A 163 -8.15 19.07 -5.01
C ALA A 163 -7.48 18.57 -3.71
N GLY A 164 -6.21 18.19 -3.81
CA GLY A 164 -5.37 17.90 -2.65
C GLY A 164 -5.69 16.63 -1.89
N ALA A 165 -5.18 16.57 -0.67
CA ALA A 165 -5.38 15.43 0.20
C ALA A 165 -6.86 15.15 0.48
N LYS A 166 -7.70 16.19 0.49
CA LYS A 166 -9.13 16.01 0.71
C LYS A 166 -9.75 15.02 -0.30
N TYR A 167 -9.16 14.95 -1.50
CA TYR A 167 -9.59 14.07 -2.54
C TYR A 167 -8.53 13.02 -2.86
N GLY A 168 -7.60 12.78 -1.93
CA GLY A 168 -6.69 11.66 -2.08
C GLY A 168 -5.66 11.79 -3.17
N THR A 169 -5.19 13.00 -3.44
CA THR A 169 -4.12 13.18 -4.42
C THR A 169 -2.73 12.92 -3.83
N GLY A 170 -1.73 12.80 -4.71
CA GLY A 170 -0.38 12.83 -4.29
C GLY A 170 0.28 11.50 -4.03
N TYR A 171 -0.40 10.39 -4.30
CA TYR A 171 0.18 9.10 -4.00
C TYR A 171 1.51 8.82 -4.69
N CYS A 172 2.31 8.04 -4.02
CA CYS A 172 3.54 7.50 -4.56
C CYS A 172 3.86 6.22 -3.79
N ASP A 173 4.64 5.34 -4.37
CA ASP A 173 5.24 4.25 -3.63
C ASP A 173 6.45 3.73 -4.36
N SER A 174 6.97 2.59 -3.91
CA SER A 174 8.29 2.14 -4.40
C SER A 174 8.17 1.43 -5.75
N GLN A 175 6.95 1.28 -6.26
CA GLN A 175 6.78 0.78 -7.63
C GLN A 175 6.82 1.92 -8.64
N CYS A 176 6.95 3.18 -8.18
CA CYS A 176 6.89 4.33 -9.10
C CYS A 176 5.66 4.21 -9.98
N PRO A 177 4.49 4.02 -9.36
CA PRO A 177 3.29 3.68 -10.13
C PRO A 177 2.95 4.65 -11.25
N ARG A 178 2.67 4.06 -12.41
CA ARG A 178 2.33 4.79 -13.62
C ARG A 178 0.84 4.66 -13.96
N ASP A 179 0.09 3.97 -13.11
CA ASP A 179 -1.34 3.81 -13.31
C ASP A 179 -2.15 4.98 -12.77
N LEU A 180 -1.48 5.93 -12.10
CA LEU A 180 -2.15 7.08 -11.54
C LEU A 180 -2.57 8.01 -12.66
N LYS A 181 -3.78 8.50 -12.54
CA LYS A 181 -4.36 9.34 -13.56
C LYS A 181 -3.92 10.80 -13.47
N PHE A 182 -3.60 11.26 -12.25
CA PHE A 182 -2.99 12.56 -12.05
C PHE A 182 -1.72 12.40 -11.22
N ILE A 183 -0.67 13.07 -11.67
CA ILE A 183 0.59 13.16 -10.99
C ILE A 183 1.12 14.59 -11.13
N ASN A 184 1.51 15.19 -10.02
CA ASN A 184 2.11 16.53 -10.02
C ASN A 184 1.18 17.58 -10.67
N GLY A 185 -0.12 17.44 -10.43
CA GLY A 185 -1.10 18.45 -10.88
C GLY A 185 -1.33 18.44 -12.40
N GLN A 186 -0.87 17.39 -13.04
CA GLN A 186 -1.13 17.17 -14.46
C GLN A 186 -1.77 15.81 -14.62
N ALA A 187 -2.58 15.61 -15.67
CA ALA A 187 -3.09 14.27 -15.93
C ALA A 187 -1.93 13.41 -16.43
N ASN A 188 -2.21 12.13 -16.65
CA ASN A 188 -1.22 11.16 -17.12
C ASN A 188 -1.72 10.55 -18.43
N VAL A 189 -2.51 11.33 -19.18
CA VAL A 189 -3.04 10.89 -20.47
C VAL A 189 -1.97 10.69 -21.55
N GLU A 190 -0.91 11.51 -21.53
CA GLU A 190 0.15 11.35 -22.49
C GLU A 190 0.85 10.01 -22.29
N GLY A 191 0.95 9.23 -23.37
CA GLY A 191 1.52 7.90 -23.28
C GLY A 191 0.61 6.82 -22.69
N TRP A 192 -0.64 7.15 -22.45
CA TRP A 192 -1.56 6.20 -21.81
C TRP A 192 -1.76 4.94 -22.65
N GLU A 193 -1.58 3.79 -22.01
CA GLU A 193 -1.81 2.48 -22.60
C GLU A 193 -2.84 1.76 -21.74
N PRO A 194 -4.05 1.57 -22.28
N PRO A 194 -4.00 1.42 -22.31
CA PRO A 194 -5.07 0.82 -21.53
CA PRO A 194 -4.93 0.69 -21.45
C PRO A 194 -4.66 -0.61 -21.22
C PRO A 194 -4.38 -0.66 -21.05
N SER A 195 -4.83 -1.04 -19.98
N SER A 195 -4.88 -1.16 -19.91
CA SER A 195 -4.49 -2.39 -19.55
CA SER A 195 -4.53 -2.47 -19.44
C SER A 195 -5.16 -3.43 -20.46
C SER A 195 -5.21 -3.53 -20.30
N SER A 196 -4.41 -4.47 -20.81
CA SER A 196 -4.92 -5.56 -21.62
C SER A 196 -5.88 -6.49 -20.85
N ASN A 197 -5.80 -6.50 -19.52
CA ASN A 197 -6.62 -7.38 -18.69
C ASN A 197 -7.49 -6.73 -17.61
N ASN A 198 -7.66 -5.40 -17.66
CA ASN A 198 -8.43 -4.68 -16.68
C ASN A 198 -9.16 -3.56 -17.37
N ALA A 199 -10.48 -3.64 -17.34
CA ALA A 199 -11.33 -2.68 -18.04
C ALA A 199 -11.26 -1.27 -17.46
N ASN A 200 -10.66 -1.12 -16.29
CA ASN A 200 -10.72 0.13 -15.56
C ASN A 200 -9.40 0.84 -15.44
N THR A 201 -8.29 0.24 -15.88
CA THR A 201 -6.97 0.79 -15.59
C THR A 201 -6.08 0.87 -16.81
N GLY A 202 -4.98 1.61 -16.67
CA GLY A 202 -3.95 1.66 -17.69
C GLY A 202 -2.67 2.14 -17.06
N ILE A 203 -1.72 2.48 -17.92
CA ILE A 203 -0.37 2.91 -17.55
C ILE A 203 -0.04 4.13 -18.39
N GLY A 204 0.45 5.19 -17.76
CA GLY A 204 0.74 6.44 -18.44
C GLY A 204 2.21 6.73 -18.59
N GLY A 205 2.53 7.86 -19.20
CA GLY A 205 3.94 8.16 -19.43
C GLY A 205 4.71 8.65 -18.23
N HIS A 206 4.00 8.94 -17.13
CA HIS A 206 4.64 9.40 -15.89
C HIS A 206 4.31 8.42 -14.76
N GLY A 207 5.22 8.33 -13.80
CA GLY A 207 4.98 7.60 -12.58
C GLY A 207 5.32 8.46 -11.38
N SER A 208 4.97 7.95 -10.19
CA SER A 208 5.16 8.69 -8.96
C SER A 208 5.86 7.85 -7.89
N CYS A 209 7.12 8.20 -7.62
CA CYS A 209 8.03 7.40 -6.79
C CYS A 209 8.12 7.96 -5.39
N CYS A 210 8.21 7.07 -4.42
CA CYS A 210 8.73 7.40 -3.11
C CYS A 210 8.95 6.17 -2.26
N SER A 211 9.66 6.37 -1.15
CA SER A 211 9.94 5.34 -0.16
C SER A 211 8.63 4.72 0.36
N GLU A 212 8.69 3.42 0.60
CA GLU A 212 7.54 2.63 0.99
C GLU A 212 7.87 1.68 2.12
N MET A 213 7.17 1.81 3.25
CA MET A 213 7.34 0.87 4.35
C MET A 213 6.15 -0.06 4.43
N ASP A 214 6.30 -1.27 3.91
CA ASP A 214 5.22 -2.23 3.94
C ASP A 214 5.22 -2.95 5.26
N ILE A 215 4.54 -2.36 6.25
N ILE A 215 4.52 -2.36 6.23
CA ILE A 215 4.43 -3.01 7.54
CA ILE A 215 4.36 -2.97 7.53
C ILE A 215 3.66 -4.35 7.41
C ILE A 215 3.69 -4.34 7.36
N TRP A 216 2.60 -4.36 6.60
CA TRP A 216 1.73 -5.51 6.51
C TRP A 216 1.17 -5.67 5.12
N GLU A 217 1.58 -6.74 4.45
CA GLU A 217 0.95 -7.17 3.23
C GLU A 217 0.57 -8.62 3.46
N ALA A 218 -0.71 -8.93 3.39
CA ALA A 218 -1.13 -10.22 3.92
C ALA A 218 -2.52 -10.63 3.48
N ASN A 219 -2.72 -11.94 3.57
CA ASN A 219 -4.05 -12.53 3.55
C ASN A 219 -4.09 -13.61 4.64
N SER A 220 -5.02 -14.54 4.56
CA SER A 220 -5.17 -15.55 5.59
C SER A 220 -4.09 -16.61 5.49
N ILE A 221 -3.35 -16.61 4.38
CA ILE A 221 -2.33 -17.62 4.07
C ILE A 221 -0.88 -17.13 4.26
N SER A 222 -0.62 -15.87 3.92
CA SER A 222 0.76 -15.34 3.95
C SER A 222 0.80 -13.93 4.43
N GLU A 223 1.95 -13.52 4.94
CA GLU A 223 2.16 -12.16 5.39
C GLU A 223 3.63 -11.82 5.30
N ALA A 224 3.93 -10.56 4.96
CA ALA A 224 5.31 -10.10 4.79
C ALA A 224 5.47 -8.67 5.31
N LEU A 225 6.68 -8.36 5.76
CA LEU A 225 7.09 -7.07 6.28
C LEU A 225 8.25 -6.65 5.40
N THR A 226 8.12 -5.51 4.72
CA THR A 226 9.08 -5.16 3.66
C THR A 226 9.36 -3.67 3.52
N PRO A 227 10.55 -3.21 3.95
CA PRO A 227 10.98 -1.87 3.57
C PRO A 227 11.49 -1.76 2.13
N HIS A 228 11.14 -0.68 1.47
CA HIS A 228 11.59 -0.39 0.08
C HIS A 228 12.19 1.01 0.01
N PRO A 229 13.53 1.12 -0.06
CA PRO A 229 14.21 2.41 -0.22
C PRO A 229 14.16 2.94 -1.65
N CYS A 230 14.33 4.25 -1.76
CA CYS A 230 14.47 4.93 -3.04
C CYS A 230 15.62 5.92 -2.89
N THR A 231 16.26 6.29 -3.99
CA THR A 231 17.37 7.25 -3.92
C THR A 231 16.94 8.69 -3.71
N THR A 232 15.70 9.02 -4.06
CA THR A 232 15.01 10.20 -3.61
C THR A 232 13.95 9.75 -2.61
N VAL A 233 14.00 10.28 -1.40
CA VAL A 233 13.20 9.71 -0.33
C VAL A 233 11.70 9.92 -0.53
N GLY A 234 11.34 11.16 -0.86
CA GLY A 234 9.98 11.57 -1.03
C GLY A 234 9.45 11.49 -2.43
N GLN A 235 8.22 12.00 -2.58
CA GLN A 235 7.47 11.92 -3.81
C GLN A 235 8.26 12.59 -4.93
N GLU A 236 8.40 11.88 -6.05
CA GLU A 236 9.12 12.39 -7.22
C GLU A 236 8.56 11.72 -8.49
N ILE A 237 8.22 12.56 -9.47
CA ILE A 237 7.78 12.08 -10.77
C ILE A 237 8.89 11.34 -11.47
N CYS A 238 8.53 10.34 -12.28
CA CYS A 238 9.48 9.64 -13.13
C CYS A 238 8.92 9.57 -14.55
N GLU A 239 9.83 9.35 -15.51
CA GLU A 239 9.48 9.36 -16.95
C GLU A 239 9.53 7.98 -17.56
N GLY A 240 8.34 7.49 -17.94
CA GLY A 240 8.20 6.27 -18.73
C GLY A 240 8.93 5.08 -18.17
N ASP A 241 9.61 4.33 -19.02
CA ASP A 241 10.32 3.14 -18.56
C ASP A 241 11.49 3.45 -17.61
N GLY A 242 11.96 4.69 -17.63
CA GLY A 242 12.91 5.16 -16.62
C GLY A 242 12.37 5.08 -15.20
N CYS A 243 11.06 4.93 -15.08
CA CYS A 243 10.46 4.73 -13.79
C CYS A 243 10.90 3.48 -13.08
N GLY A 244 11.18 2.39 -13.78
CA GLY A 244 11.32 1.10 -13.11
C GLY A 244 9.96 0.73 -12.55
N GLY A 245 9.95 -0.24 -11.64
CA GLY A 245 8.71 -0.69 -11.01
C GLY A 245 7.95 -1.69 -11.85
N THR A 246 6.93 -2.29 -11.27
N THR A 246 6.95 -2.28 -11.21
CA THR A 246 6.12 -3.32 -11.96
CA THR A 246 6.06 -3.29 -11.82
C THR A 246 5.27 -2.74 -13.13
C THR A 246 5.60 -2.94 -13.24
N TYR A 247 5.22 -1.42 -13.23
N TYR A 247 5.03 -1.75 -13.39
CA TYR A 247 4.45 -0.77 -14.28
CA TYR A 247 4.36 -1.29 -14.63
C TYR A 247 5.30 -0.47 -15.56
C TYR A 247 5.31 -1.03 -15.80
N SER A 248 6.59 -0.87 -15.51
CA SER A 248 7.57 -0.62 -16.58
C SER A 248 8.17 -1.92 -17.11
N ASP A 249 8.62 -1.93 -18.36
N ASP A 249 8.63 -1.87 -18.35
CA ASP A 249 9.18 -3.18 -18.90
CA ASP A 249 9.29 -3.02 -19.00
C ASP A 249 10.50 -3.59 -18.22
C ASP A 249 10.41 -3.55 -18.11
N ASN A 250 11.25 -2.65 -17.64
CA ASN A 250 12.38 -2.99 -16.78
C ASN A 250 12.04 -2.59 -15.33
N ARG A 251 11.90 -3.54 -14.41
CA ARG A 251 11.52 -3.15 -13.03
C ARG A 251 12.65 -2.51 -12.26
N TYR A 252 13.89 -2.68 -12.71
CA TYR A 252 15.05 -2.13 -11.98
C TYR A 252 15.72 -0.90 -12.59
N GLY A 253 15.10 -0.31 -13.61
N GLY A 253 15.11 -0.28 -13.59
CA GLY A 253 15.67 0.85 -14.26
CA GLY A 253 15.75 0.90 -14.20
C GLY A 253 15.36 2.19 -13.63
C GLY A 253 15.89 2.14 -13.32
N GLY A 254 15.16 2.25 -12.31
N GLY A 254 15.00 2.28 -12.34
CA GLY A 254 14.69 3.50 -11.72
CA GLY A 254 14.75 3.59 -11.77
C GLY A 254 15.32 3.88 -10.39
C GLY A 254 15.27 3.82 -10.36
N THR A 255 14.65 4.78 -9.68
CA THR A 255 15.15 5.33 -8.42
C THR A 255 14.68 4.56 -7.19
N CYS A 256 13.70 3.68 -7.36
CA CYS A 256 13.15 2.94 -6.21
C CYS A 256 13.45 1.48 -6.28
N ASP A 257 13.45 0.84 -5.12
CA ASP A 257 13.60 -0.60 -5.06
C ASP A 257 12.23 -1.26 -5.02
N PRO A 258 11.79 -1.91 -6.11
CA PRO A 258 10.44 -2.44 -6.15
C PRO A 258 10.29 -3.79 -5.48
N ASP A 259 11.40 -4.40 -5.05
CA ASP A 259 11.39 -5.70 -4.42
C ASP A 259 11.38 -5.59 -2.90
N GLY A 260 12.32 -4.79 -2.38
CA GLY A 260 12.43 -4.60 -0.94
C GLY A 260 13.14 -5.72 -0.23
N CYS A 261 13.45 -5.49 1.05
CA CYS A 261 14.01 -6.53 1.92
C CYS A 261 12.85 -7.11 2.69
N ASP A 262 12.26 -8.17 2.13
CA ASP A 262 11.04 -8.71 2.68
C ASP A 262 11.39 -9.72 3.76
N TRP A 263 10.60 -9.72 4.82
CA TRP A 263 10.62 -10.75 5.81
C TRP A 263 9.25 -11.44 5.83
N ASN A 264 9.22 -12.66 5.29
CA ASN A 264 8.02 -13.50 5.23
C ASN A 264 8.36 -14.79 5.95
N PRO A 265 7.80 -15.04 7.15
CA PRO A 265 8.28 -16.19 7.90
C PRO A 265 8.17 -17.52 7.16
N TYR A 266 7.10 -17.67 6.38
CA TYR A 266 6.94 -18.88 5.58
C TYR A 266 8.08 -19.02 4.58
N ARG A 267 8.38 -17.94 3.87
CA ARG A 267 9.44 -17.94 2.86
C ARG A 267 10.79 -18.30 3.48
N LEU A 268 10.99 -17.88 4.73
CA LEU A 268 12.22 -18.16 5.47
C LEU A 268 12.27 -19.54 6.12
N GLY A 269 11.19 -20.31 6.02
CA GLY A 269 11.17 -21.71 6.42
C GLY A 269 10.21 -22.13 7.50
N ASN A 270 9.60 -21.16 8.20
CA ASN A 270 8.70 -21.51 9.24
C ASN A 270 7.31 -21.51 8.64
N THR A 271 6.94 -22.67 8.14
CA THR A 271 5.65 -22.82 7.46
C THR A 271 4.51 -23.07 8.45
N SER A 272 4.78 -23.11 9.75
CA SER A 272 3.78 -23.37 10.77
C SER A 272 3.39 -22.15 11.58
N PHE A 273 3.98 -20.99 11.27
CA PHE A 273 3.76 -19.82 12.10
C PHE A 273 2.40 -19.13 11.91
N TYR A 274 1.92 -19.12 10.68
CA TYR A 274 0.83 -18.20 10.30
C TYR A 274 -0.05 -18.88 9.28
N GLY A 275 -1.30 -19.08 9.66
CA GLY A 275 -2.25 -19.66 8.73
C GLY A 275 -3.55 -19.99 9.43
N PRO A 276 -4.52 -20.49 8.65
CA PRO A 276 -5.85 -20.70 9.18
C PRO A 276 -5.97 -21.93 10.08
N GLY A 277 -6.45 -21.70 11.28
CA GLY A 277 -6.77 -22.76 12.21
C GLY A 277 -5.72 -23.05 13.26
N SER A 278 -6.00 -24.06 14.06
CA SER A 278 -5.23 -24.32 15.28
C SER A 278 -3.89 -25.02 15.01
N SER A 279 -3.59 -25.35 13.76
CA SER A 279 -2.31 -25.98 13.45
C SER A 279 -1.18 -24.95 13.27
N PHE A 280 -1.52 -23.67 13.35
CA PHE A 280 -0.54 -22.58 13.17
C PHE A 280 -0.33 -21.82 14.47
N THR A 281 0.86 -21.26 14.64
CA THR A 281 1.14 -20.47 15.83
C THR A 281 0.16 -19.31 15.96
N LEU A 282 -0.01 -18.59 14.84
CA LEU A 282 -1.00 -17.54 14.73
C LEU A 282 -2.12 -18.05 13.83
N ASP A 283 -3.33 -18.06 14.39
CA ASP A 283 -4.53 -18.56 13.71
C ASP A 283 -5.24 -17.43 12.96
N THR A 284 -5.15 -17.45 11.64
CA THR A 284 -5.65 -16.35 10.83
C THR A 284 -7.16 -16.34 10.67
N THR A 285 -7.85 -17.32 11.24
CA THR A 285 -9.31 -17.19 11.39
C THR A 285 -9.72 -16.22 12.46
N LYS A 286 -8.77 -15.78 13.30
CA LYS A 286 -9.06 -14.91 14.41
C LYS A 286 -8.24 -13.62 14.32
N LYS A 287 -8.75 -12.56 14.93
CA LYS A 287 -8.06 -11.29 15.01
C LYS A 287 -6.68 -11.47 15.66
N LEU A 288 -5.70 -10.71 15.18
CA LEU A 288 -4.41 -10.70 15.81
C LEU A 288 -3.86 -9.29 15.86
N THR A 289 -2.91 -9.09 16.77
CA THR A 289 -2.22 -7.84 16.95
C THR A 289 -0.80 -7.91 16.42
N VAL A 290 -0.41 -6.90 15.65
CA VAL A 290 0.87 -6.83 14.96
C VAL A 290 1.58 -5.56 15.38
N VAL A 291 2.76 -5.70 15.99
CA VAL A 291 3.51 -4.56 16.50
C VAL A 291 4.86 -4.48 15.77
N THR A 292 5.23 -3.28 15.32
CA THR A 292 6.41 -3.11 14.49
C THR A 292 7.17 -1.93 15.03
N GLN A 293 8.44 -2.17 15.35
CA GLN A 293 9.30 -1.25 16.08
C GLN A 293 10.49 -0.82 15.24
N PHE A 294 10.74 0.47 15.17
CA PHE A 294 11.76 1.03 14.29
C PHE A 294 12.88 1.59 15.13
N GLU A 295 13.82 0.74 15.52
CA GLU A 295 14.89 1.18 16.41
C GLU A 295 15.80 2.14 15.65
N THR A 296 16.48 2.99 16.38
CA THR A 296 17.24 4.05 15.74
C THR A 296 18.43 3.56 14.90
N SER A 297 18.88 2.32 15.09
CA SER A 297 19.93 1.72 14.23
C SER A 297 19.48 1.63 12.77
N GLY A 298 18.17 1.64 12.57
CA GLY A 298 17.57 1.42 11.25
C GLY A 298 17.00 0.01 11.07
N ALA A 299 17.21 -0.87 12.04
CA ALA A 299 16.65 -2.21 12.04
C ALA A 299 15.19 -2.16 12.48
N ILE A 300 14.45 -3.21 12.12
CA ILE A 300 13.04 -3.30 12.41
C ILE A 300 12.76 -4.55 13.19
N ASN A 301 12.11 -4.39 14.35
CA ASN A 301 11.67 -5.51 15.16
C ASN A 301 10.16 -5.66 15.13
N ARG A 302 9.73 -6.89 15.41
CA ARG A 302 8.33 -7.25 15.20
C ARG A 302 7.92 -8.27 16.24
N TYR A 303 6.73 -8.06 16.81
CA TYR A 303 6.10 -9.10 17.58
C TYR A 303 4.61 -9.09 17.35
N TYR A 304 3.98 -10.18 17.75
CA TYR A 304 2.55 -10.41 17.53
C TYR A 304 1.91 -10.78 18.85
N VAL A 305 0.62 -10.49 19.00
CA VAL A 305 -0.14 -10.93 20.15
C VAL A 305 -1.43 -11.53 19.66
N GLN A 306 -1.76 -12.72 20.16
CA GLN A 306 -3.08 -13.30 19.88
C GLN A 306 -3.58 -14.03 21.11
N ASN A 307 -4.80 -13.67 21.53
CA ASN A 307 -5.39 -14.22 22.78
C ASN A 307 -4.45 -14.07 23.97
N GLY A 308 -3.75 -12.94 24.03
CA GLY A 308 -2.93 -12.60 25.18
C GLY A 308 -1.54 -13.24 25.21
N VAL A 309 -1.23 -14.04 24.19
CA VAL A 309 0.06 -14.71 24.06
C VAL A 309 0.89 -13.93 23.06
N THR A 310 2.12 -13.62 23.47
CA THR A 310 3.09 -12.84 22.69
C THR A 310 4.11 -13.72 21.98
N PHE A 311 4.33 -13.46 20.69
CA PHE A 311 5.36 -14.11 19.88
C PHE A 311 6.22 -13.07 19.16
N GLN A 312 7.52 -13.07 19.40
CA GLN A 312 8.41 -12.29 18.54
C GLN A 312 8.32 -12.89 17.14
N GLN A 313 8.68 -12.09 16.15
CA GLN A 313 8.95 -12.57 14.84
C GLN A 313 9.78 -13.87 14.95
N PRO A 314 9.37 -14.94 14.27
CA PRO A 314 10.15 -16.17 14.42
C PRO A 314 11.58 -16.05 13.95
N ASN A 315 12.45 -16.81 14.61
CA ASN A 315 13.85 -16.84 14.21
C ASN A 315 14.00 -17.42 12.79
N ALA A 316 14.94 -16.89 12.04
CA ALA A 316 15.31 -17.41 10.73
C ALA A 316 16.81 -17.53 10.65
N GLU A 317 17.27 -18.52 9.90
CA GLU A 317 18.68 -18.67 9.57
C GLU A 317 18.79 -18.66 8.06
N LEU A 318 19.66 -17.79 7.55
CA LEU A 318 19.81 -17.57 6.10
C LEU A 318 21.26 -17.19 5.87
N GLY A 319 22.01 -18.05 5.22
CA GLY A 319 23.45 -17.82 5.10
C GLY A 319 24.06 -17.67 6.47
N SER A 320 24.83 -16.62 6.69
CA SER A 320 25.43 -16.39 8.00
C SER A 320 24.56 -15.53 8.91
N TYR A 321 23.38 -15.13 8.45
CA TYR A 321 22.45 -14.41 9.31
C TYR A 321 21.69 -15.41 10.19
N SER A 322 21.47 -15.06 11.45
CA SER A 322 20.59 -15.81 12.34
C SER A 322 19.93 -14.85 13.31
N GLY A 323 18.62 -14.92 13.42
CA GLY A 323 17.93 -14.00 14.32
C GLY A 323 16.51 -13.72 13.87
N ASN A 324 15.91 -12.73 14.50
CA ASN A 324 14.55 -12.30 14.18
C ASN A 324 14.39 -10.81 13.94
N GLU A 325 15.50 -10.07 13.95
CA GLU A 325 15.52 -8.67 13.64
C GLU A 325 15.78 -8.42 12.17
N LEU A 326 14.98 -7.59 11.55
CA LEU A 326 15.20 -7.22 10.14
C LEU A 326 16.27 -6.12 10.12
N ASN A 327 17.51 -6.52 9.86
CA ASN A 327 18.65 -5.60 9.88
C ASN A 327 19.47 -5.75 8.63
N ASP A 328 20.51 -4.94 8.54
N ASP A 328 20.53 -4.99 8.48
CA ASP A 328 21.48 -4.96 7.44
CA ASP A 328 21.25 -5.07 7.20
C ASP A 328 21.90 -6.36 7.08
C ASP A 328 21.96 -6.41 7.02
N ASP A 329 22.30 -7.10 8.09
CA ASP A 329 22.83 -8.46 7.95
C ASP A 329 21.79 -9.39 7.35
N TYR A 330 20.55 -9.27 7.80
CA TYR A 330 19.47 -10.04 7.20
C TYR A 330 19.33 -9.71 5.72
N CYS A 331 19.23 -8.43 5.39
CA CYS A 331 18.89 -8.04 4.02
C CYS A 331 20.03 -8.44 3.05
N THR A 332 21.24 -8.37 3.54
CA THR A 332 22.42 -8.75 2.75
C THR A 332 22.44 -10.24 2.51
N ALA A 333 22.17 -11.03 3.54
CA ALA A 333 22.09 -12.47 3.45
C ALA A 333 20.95 -12.87 2.53
N GLU A 334 19.86 -12.11 2.61
CA GLU A 334 18.71 -12.41 1.73
C GLU A 334 19.11 -12.27 0.27
N GLU A 335 19.73 -11.17 -0.08
CA GLU A 335 20.21 -10.96 -1.46
C GLU A 335 21.18 -12.06 -1.86
N ALA A 336 22.04 -12.45 -0.94
CA ALA A 336 23.05 -13.49 -1.23
C ALA A 336 22.37 -14.84 -1.47
N GLU A 337 21.36 -15.20 -0.68
CA GLU A 337 20.79 -16.54 -0.74
C GLU A 337 19.67 -16.61 -1.75
N PHE A 338 18.80 -15.60 -1.79
CA PHE A 338 17.64 -15.62 -2.67
C PHE A 338 17.88 -14.91 -4.01
N GLY A 339 18.85 -14.01 -4.06
CA GLY A 339 19.18 -13.27 -5.25
C GLY A 339 18.76 -11.83 -5.18
N GLY A 340 19.26 -11.05 -6.14
CA GLY A 340 18.86 -9.65 -6.28
C GLY A 340 19.86 -8.67 -5.73
N SER A 341 19.81 -7.45 -6.24
CA SER A 341 20.63 -6.38 -5.76
C SER A 341 19.90 -5.05 -5.66
N SER A 342 18.56 -5.08 -5.77
N SER A 342 18.56 -5.04 -5.82
CA SER A 342 17.78 -3.88 -5.86
CA SER A 342 17.82 -3.79 -5.86
C SER A 342 17.80 -3.11 -4.52
C SER A 342 17.83 -3.09 -4.51
N PHE A 343 17.53 -3.85 -3.46
CA PHE A 343 17.49 -3.27 -2.10
C PHE A 343 18.84 -2.61 -1.78
N SER A 344 19.94 -3.34 -1.99
CA SER A 344 21.27 -2.79 -1.69
C SER A 344 21.69 -1.70 -2.65
N ASP A 345 21.34 -1.84 -3.94
CA ASP A 345 21.62 -0.80 -4.93
C ASP A 345 21.01 0.54 -4.52
N LYS A 346 19.83 0.49 -3.92
CA LYS A 346 19.14 1.69 -3.51
C LYS A 346 19.50 2.14 -2.11
N GLY A 347 20.51 1.53 -1.49
CA GLY A 347 21.09 2.07 -0.24
C GLY A 347 20.66 1.36 1.02
N GLY A 348 19.86 0.30 0.87
CA GLY A 348 19.46 -0.54 2.00
C GLY A 348 18.80 0.20 3.13
N LEU A 349 18.99 -0.32 4.35
CA LEU A 349 18.31 0.25 5.52
C LEU A 349 18.85 1.63 5.91
N THR A 350 20.09 1.93 5.49
CA THR A 350 20.65 3.25 5.72
C THR A 350 19.88 4.28 4.94
N GLN A 351 19.60 3.99 3.66
CA GLN A 351 18.77 4.89 2.89
C GLN A 351 17.32 4.88 3.40
N PHE A 352 16.85 3.71 3.84
CA PHE A 352 15.47 3.64 4.30
C PHE A 352 15.23 4.48 5.56
N LYS A 353 16.26 4.52 6.38
CA LYS A 353 16.26 5.32 7.61
C LYS A 353 15.96 6.79 7.33
N LYS A 354 16.34 7.29 6.14
CA LYS A 354 15.99 8.65 5.77
C LYS A 354 14.50 8.86 5.62
N ALA A 355 13.79 7.80 5.21
CA ALA A 355 12.35 7.85 5.08
C ALA A 355 11.70 7.82 6.46
N THR A 356 12.13 6.88 7.30
CA THR A 356 11.48 6.74 8.62
C THR A 356 11.85 7.88 9.58
N SER A 357 12.97 8.55 9.32
N SER A 357 12.94 8.58 9.33
CA SER A 357 13.35 9.74 10.09
CA SER A 357 13.30 9.74 10.15
C SER A 357 12.42 10.92 9.83
C SER A 357 12.54 11.00 9.76
N GLY A 358 11.84 10.95 8.63
CA GLY A 358 10.92 12.00 8.22
C GLY A 358 9.49 11.56 8.37
N GLY A 359 8.57 12.36 7.86
CA GLY A 359 7.18 12.01 7.92
C GLY A 359 6.76 11.07 6.80
N MET A 360 5.85 10.16 7.15
CA MET A 360 5.21 9.27 6.20
C MET A 360 3.71 9.19 6.47
N VAL A 361 2.97 8.92 5.41
CA VAL A 361 1.54 8.83 5.45
C VAL A 361 1.11 7.37 5.56
N LEU A 362 0.14 7.12 6.42
CA LEU A 362 -0.43 5.80 6.60
C LEU A 362 -1.46 5.47 5.52
N VAL A 363 -1.25 4.33 4.88
CA VAL A 363 -2.11 3.80 3.83
C VAL A 363 -2.70 2.45 4.27
N MET A 364 -4.01 2.27 4.06
CA MET A 364 -4.68 0.99 4.28
C MET A 364 -5.43 0.66 3.01
N SER A 365 -5.27 -0.56 2.53
CA SER A 365 -5.81 -0.95 1.23
C SER A 365 -6.21 -2.40 1.17
N LEU A 366 -7.04 -2.71 0.17
CA LEU A 366 -7.33 -4.06 -0.22
C LEU A 366 -7.27 -4.13 -1.73
N TRP A 367 -6.50 -5.07 -2.27
CA TRP A 367 -6.29 -5.17 -3.69
C TRP A 367 -5.99 -6.57 -4.18
N ASP A 368 -6.26 -6.76 -5.47
CA ASP A 368 -5.84 -7.96 -6.18
C ASP A 368 -4.87 -7.47 -7.26
N ASP A 369 -4.10 -8.40 -7.81
CA ASP A 369 -2.89 -8.10 -8.55
C ASP A 369 -3.03 -8.51 -10.01
N TYR A 370 -3.31 -7.53 -10.85
CA TYR A 370 -3.44 -7.75 -12.27
C TYR A 370 -2.14 -8.01 -13.03
N TYR A 371 -0.99 -7.94 -12.35
N TYR A 371 -0.99 -7.91 -12.35
CA TYR A 371 0.30 -8.17 -13.01
CA TYR A 371 0.29 -8.18 -13.00
C TYR A 371 0.88 -9.55 -12.71
C TYR A 371 0.77 -9.59 -12.74
N ALA A 372 0.76 -10.00 -11.46
CA ALA A 372 1.35 -11.26 -11.05
C ALA A 372 0.49 -12.06 -10.07
N ASN A 373 -0.82 -11.76 -10.00
CA ASN A 373 -1.78 -12.62 -9.25
C ASN A 373 -1.44 -12.82 -7.76
N MET A 374 -0.62 -11.90 -7.21
CA MET A 374 -0.17 -11.94 -5.83
C MET A 374 0.71 -13.15 -5.50
N LEU A 375 1.25 -13.80 -6.53
CA LEU A 375 2.05 -15.01 -6.32
C LEU A 375 3.34 -14.72 -5.59
N TRP A 376 3.87 -13.53 -5.81
CA TRP A 376 5.09 -13.04 -5.10
C TRP A 376 4.93 -13.01 -3.58
N LEU A 377 3.68 -12.92 -3.10
CA LEU A 377 3.38 -12.86 -1.70
C LEU A 377 3.02 -14.23 -1.14
N ASP A 378 2.20 -15.00 -1.87
CA ASP A 378 1.56 -16.16 -1.23
C ASP A 378 1.70 -17.50 -1.94
N SER A 379 2.56 -17.56 -2.95
CA SER A 379 2.68 -18.77 -3.78
C SER A 379 4.16 -19.05 -4.06
N THR A 380 4.42 -19.81 -5.13
CA THR A 380 5.77 -20.03 -5.64
C THR A 380 5.98 -19.09 -6.81
N TYR A 381 7.07 -18.33 -6.78
CA TYR A 381 7.30 -17.27 -7.74
C TYR A 381 8.80 -17.14 -8.03
N PRO A 382 9.18 -17.12 -9.31
CA PRO A 382 8.39 -17.42 -10.52
C PRO A 382 7.79 -18.81 -10.47
N THR A 383 6.69 -19.04 -11.19
CA THR A 383 5.91 -20.25 -10.98
C THR A 383 6.58 -21.51 -11.55
N ASN A 384 7.57 -21.33 -12.40
CA ASN A 384 8.32 -22.50 -12.89
C ASN A 384 9.35 -23.01 -11.88
N GLU A 385 9.61 -22.26 -10.81
CA GLU A 385 10.57 -22.69 -9.82
C GLU A 385 9.94 -23.73 -8.90
N THR A 386 10.78 -24.41 -8.15
CA THR A 386 10.32 -25.35 -7.14
C THR A 386 10.90 -24.97 -5.80
N SER A 387 10.56 -25.75 -4.78
CA SER A 387 11.09 -25.55 -3.43
C SER A 387 12.61 -25.69 -3.35
N SER A 388 13.23 -26.28 -4.38
N SER A 388 13.21 -26.30 -4.38
CA SER A 388 14.68 -26.40 -4.46
CA SER A 388 14.66 -26.39 -4.50
C SER A 388 15.37 -25.08 -4.86
C SER A 388 15.31 -25.04 -4.69
N THR A 389 14.59 -24.09 -5.28
CA THR A 389 15.12 -22.77 -5.56
C THR A 389 14.96 -21.95 -4.27
N PRO A 390 16.08 -21.50 -3.67
CA PRO A 390 15.94 -20.77 -2.40
C PRO A 390 14.99 -19.60 -2.52
N GLY A 391 14.01 -19.56 -1.64
CA GLY A 391 13.12 -18.42 -1.53
C GLY A 391 11.98 -18.42 -2.51
N ALA A 392 11.95 -19.39 -3.41
CA ALA A 392 10.91 -19.38 -4.42
C ALA A 392 9.53 -19.56 -3.79
N VAL A 393 9.38 -20.40 -2.77
CA VAL A 393 8.07 -20.65 -2.16
C VAL A 393 7.84 -19.63 -1.08
N ARG A 394 6.90 -18.73 -1.33
CA ARG A 394 6.51 -17.72 -0.33
C ARG A 394 5.26 -18.02 0.44
N GLY A 395 4.46 -18.95 -0.04
CA GLY A 395 3.28 -19.42 0.65
C GLY A 395 2.70 -20.66 -0.02
N SER A 396 1.62 -21.15 0.56
CA SER A 396 1.03 -22.42 0.13
C SER A 396 -0.03 -22.27 -0.96
N CYS A 397 -0.32 -21.05 -1.40
CA CYS A 397 -1.31 -20.90 -2.47
C CYS A 397 -0.82 -21.53 -3.77
N SER A 398 -1.75 -22.13 -4.53
CA SER A 398 -1.42 -22.65 -5.84
C SER A 398 -0.88 -21.57 -6.76
N THR A 399 0.05 -21.95 -7.62
CA THR A 399 0.57 -21.05 -8.64
C THR A 399 -0.52 -20.64 -9.65
N SER A 400 -1.67 -21.33 -9.62
CA SER A 400 -2.85 -20.96 -10.42
C SER A 400 -3.79 -19.97 -9.75
N SER A 401 -3.48 -19.57 -8.52
CA SER A 401 -4.37 -18.74 -7.72
C SER A 401 -4.25 -17.26 -8.06
N GLY A 402 -5.26 -16.52 -7.63
CA GLY A 402 -5.21 -15.06 -7.67
C GLY A 402 -5.51 -14.40 -8.98
N VAL A 403 -6.08 -15.14 -9.95
CA VAL A 403 -6.52 -14.50 -11.19
C VAL A 403 -7.60 -13.50 -10.80
N PRO A 404 -7.37 -12.21 -11.09
CA PRO A 404 -8.33 -11.23 -10.59
C PRO A 404 -9.81 -11.46 -10.94
N ALA A 405 -10.10 -11.75 -12.19
CA ALA A 405 -11.49 -11.97 -12.55
C ALA A 405 -12.11 -13.13 -11.77
N GLN A 406 -11.27 -14.13 -11.50
CA GLN A 406 -11.74 -15.30 -10.79
C GLN A 406 -11.98 -15.04 -9.32
N VAL A 407 -11.02 -14.41 -8.65
N VAL A 407 -11.02 -14.41 -8.65
CA VAL A 407 -11.21 -14.10 -7.23
CA VAL A 407 -11.20 -14.11 -7.23
C VAL A 407 -12.29 -13.05 -7.00
C VAL A 407 -12.29 -13.05 -7.00
N GLU A 408 -12.44 -12.12 -7.95
CA GLU A 408 -13.55 -11.14 -7.89
C GLU A 408 -14.92 -11.81 -8.01
N SER A 409 -14.97 -12.80 -8.90
CA SER A 409 -16.19 -13.57 -9.08
C SER A 409 -16.49 -14.53 -7.91
N GLN A 410 -15.47 -15.20 -7.38
CA GLN A 410 -15.63 -16.23 -6.34
C GLN A 410 -15.66 -15.71 -4.94
N SER A 411 -14.94 -14.62 -4.68
CA SER A 411 -14.79 -14.09 -3.35
C SER A 411 -15.14 -12.62 -3.22
N PRO A 412 -16.29 -12.18 -3.78
CA PRO A 412 -16.63 -10.75 -3.75
C PRO A 412 -16.81 -10.17 -2.37
N ASN A 413 -17.17 -11.02 -1.41
CA ASN A 413 -17.46 -10.58 -0.04
C ASN A 413 -16.22 -10.65 0.85
N ALA A 414 -15.09 -10.99 0.26
CA ALA A 414 -13.83 -10.85 0.99
C ALA A 414 -13.71 -9.45 1.55
N LYS A 415 -12.97 -9.31 2.65
CA LYS A 415 -12.80 -8.04 3.30
C LYS A 415 -11.63 -8.12 4.26
N VAL A 416 -11.12 -6.96 4.61
CA VAL A 416 -10.11 -6.81 5.68
C VAL A 416 -10.60 -5.78 6.67
N THR A 417 -10.31 -6.01 7.95
CA THR A 417 -10.63 -5.06 8.97
C THR A 417 -9.38 -4.75 9.77
N PHE A 418 -9.01 -3.47 9.78
CA PHE A 418 -7.92 -2.96 10.56
C PHE A 418 -8.50 -2.19 11.72
N SER A 419 -7.91 -2.32 12.90
CA SER A 419 -8.50 -1.66 14.06
C SER A 419 -7.45 -1.44 15.15
N ASN A 420 -7.82 -0.63 16.11
CA ASN A 420 -7.02 -0.34 17.27
C ASN A 420 -5.58 0.04 16.93
N ILE A 421 -5.43 1.01 16.04
CA ILE A 421 -4.14 1.58 15.77
C ILE A 421 -3.60 2.30 16.99
N LYS A 422 -2.36 2.00 17.35
CA LYS A 422 -1.68 2.69 18.44
C LYS A 422 -0.27 3.00 17.98
N PHE A 423 0.19 4.19 18.30
CA PHE A 423 1.49 4.66 17.85
C PHE A 423 2.20 5.44 18.95
N GLY A 424 3.49 5.18 19.14
CA GLY A 424 4.25 5.95 20.10
C GLY A 424 5.65 5.43 20.22
N PRO A 425 6.39 5.93 21.21
CA PRO A 425 7.72 5.43 21.44
C PRO A 425 7.77 3.91 21.58
N ILE A 426 8.87 3.33 21.15
CA ILE A 426 9.10 1.92 21.37
C ILE A 426 8.83 1.59 22.84
N GLY A 427 8.08 0.52 23.07
CA GLY A 427 7.74 0.03 24.41
C GLY A 427 6.46 0.62 24.96
N SER A 428 5.82 1.55 24.24
CA SER A 428 4.71 2.32 24.82
C SER A 428 3.32 1.84 24.43
N THR A 429 3.15 1.12 23.32
CA THR A 429 1.81 0.91 22.78
C THR A 429 1.00 -0.22 23.42
N GLY A 430 1.63 -1.01 24.29
CA GLY A 430 0.90 -2.05 25.02
C GLY A 430 0.24 -1.53 26.29
N ASN A 431 0.47 -0.26 26.60
CA ASN A 431 -0.10 0.34 27.80
C ASN A 431 -1.54 0.73 27.53
N PRO A 432 -2.31 0.98 28.59
CA PRO A 432 -3.74 1.19 28.35
C PRO A 432 -4.11 2.32 27.40
N SER A 433 -5.04 2.04 26.50
CA SER A 433 -5.61 3.09 25.68
C SER A 433 -6.37 4.11 26.55
N GLY A 434 -6.29 5.38 26.18
CA GLY A 434 -7.02 6.44 26.87
C GLY A 434 -8.30 6.77 26.14
C1 NAG B . 7.83 -21.15 14.02
C2 NAG B . 8.56 -22.30 14.74
C3 NAG B . 7.91 -22.57 16.09
C4 NAG B . 8.00 -21.30 16.90
C5 NAG B . 7.22 -20.23 16.15
C6 NAG B . 7.19 -18.92 16.93
C7 NAG B . 9.43 -23.73 12.93
C8 NAG B . 9.18 -24.94 12.07
N2 NAG B . 8.55 -23.51 13.91
O3 NAG B . 8.56 -23.56 16.87
O4 NAG B . 7.44 -21.51 18.16
O5 NAG B . 7.81 -20.02 14.88
O6 NAG B . 8.53 -18.46 17.05
O7 NAG B . 10.41 -23.01 12.68
C1 NAG C . 12.24 -20.52 -14.73
C2 NAG C . 13.56 -21.31 -14.76
C3 NAG C . 14.74 -20.33 -14.76
C4 NAG C . 14.61 -19.35 -15.93
C5 NAG C . 13.24 -18.70 -15.93
C6 NAG C . 13.05 -17.81 -17.16
C7 NAG C . 13.48 -23.55 -13.74
C8 NAG C . 13.37 -24.31 -12.45
N2 NAG C . 13.71 -22.24 -13.64
O3 NAG C . 15.96 -21.05 -14.83
O4 NAG C . 15.61 -18.37 -15.81
O5 NAG C . 12.20 -19.68 -15.87
O6 NAG C . 12.48 -18.55 -18.23
O7 NAG C . 13.38 -24.15 -14.82
CO CO D . 18.45 -4.20 17.56
CO CO E . 7.08 14.26 -18.75
O4 XX7 F . 0.34 -3.72 -0.71
C19 XX7 F . 0.72 -2.35 -0.94
C18 XX7 F . 1.52 -2.22 -2.23
C20 XX7 F . 1.46 -0.80 -2.80
O3 XX7 F . 2.19 -0.72 -4.03
N XX7 F . 2.93 -2.63 -2.02
C17 XX7 F . 3.52 -3.39 -3.16
O2 XX7 F . 5.62 -2.20 -3.45
C15 XX7 F . 5.61 -4.57 -3.84
O1 XX7 F . 4.90 -4.51 -5.07
C10 XX7 F . 4.96 -5.53 -5.97
C5 XX7 F . 3.95 -5.58 -6.95
C6 XX7 F . 2.95 -4.60 -6.97
C1 XX7 F . 1.92 -4.64 -7.89
C2 XX7 F . 1.89 -5.66 -8.84
C3 XX7 F . 2.89 -6.62 -8.84
C4 XX7 F . 3.94 -6.60 -7.90
C7 XX7 F . 4.95 -7.56 -7.88
C11 XX7 F . 5.01 -8.58 -8.84
C12 XX7 F . 6.02 -9.52 -8.80
C13 XX7 F . 7.01 -9.45 -7.83
C14 XX7 F . 6.99 -8.44 -6.87
C8 XX7 F . 5.96 -7.50 -6.91
C9 XX7 F . 5.95 -6.49 -5.93
C16 XX7 F . 5.05 -3.43 -3.00
#